data_3ISP
#
_entry.id   3ISP
#
_cell.length_a   85.800
_cell.length_b   116.740
_cell.length_c   136.700
_cell.angle_alpha   90.000
_cell.angle_beta   90.000
_cell.angle_gamma   90.000
#
_symmetry.space_group_name_H-M   'I 21 21 21'
#
loop_
_entity.id
_entity.type
_entity.pdbx_description
1 polymer 'HTH-type transcriptional regulator Rv1985c/MT2039'
2 water water
#
_entity_poly.entity_id   1
_entity_poly.type   'polypeptide(L)'
_entity_poly.pdbx_seq_one_letter_code
;MVDPQLDGPQLAALAAVVELGSFDAAAERLHVTPSAVSQRIKSLEQQVGQVLVVREKPCRATTAGIPLLRLAAQTALLES
EALAEMGGNASLKRTRITIAVNADSMATWFSAVFDGLGDVLLDVRIEDQDHSARLLREGVAMGAVTTERNPVPGCRVHPL
GEMRYLPVASRPFVQRHLSDGFTAAAAAKAPSLAWNRDDGLQDMLVRKAFRRAITRPTHFVPTTEGFTAAARAGLGWGMF
PEKLAASPLADGSFVRVCDIHLDVPLYWQCWKLDSPIIARITDTVRAAASGLYRGQQRRRRPG
;
_entity_poly.pdbx_strand_id   A,B
#
# COMPACT_ATOMS: atom_id res chain seq x y z
N GLN A 5 19.94 15.70 -2.93
CA GLN A 5 19.81 14.24 -2.96
C GLN A 5 18.55 13.83 -3.73
N LEU A 6 18.63 12.72 -4.46
CA LEU A 6 17.49 12.22 -5.22
C LEU A 6 17.58 10.75 -5.69
N ASP A 7 17.91 9.84 -4.77
CA ASP A 7 17.77 8.40 -5.03
C ASP A 7 18.95 7.79 -5.79
N GLY A 8 18.69 6.74 -6.58
CA GLY A 8 19.72 6.13 -7.41
C GLY A 8 19.65 4.62 -7.56
N PRO A 9 20.75 3.92 -7.23
CA PRO A 9 20.75 2.46 -7.13
C PRO A 9 20.25 2.08 -5.75
N GLN A 10 19.61 3.05 -5.09
CA GLN A 10 18.97 2.83 -3.79
C GLN A 10 17.62 2.16 -4.03
N LEU A 11 16.88 2.67 -5.01
CA LEU A 11 15.64 2.05 -5.48
C LEU A 11 15.93 0.63 -5.90
N ALA A 12 17.01 0.47 -6.65
CA ALA A 12 17.41 -0.85 -7.11
C ALA A 12 17.38 -1.79 -5.93
N ALA A 13 18.01 -1.37 -4.84
CA ALA A 13 18.09 -2.16 -3.62
C ALA A 13 16.70 -2.53 -3.11
N LEU A 14 15.85 -1.52 -2.96
CA LEU A 14 14.47 -1.71 -2.52
C LEU A 14 13.80 -2.78 -3.36
N ALA A 15 13.61 -2.46 -4.64
CA ALA A 15 12.87 -3.28 -5.59
C ALA A 15 13.35 -4.71 -5.56
N ALA A 16 14.66 -4.87 -5.39
CA ALA A 16 15.27 -6.19 -5.34
C ALA A 16 14.89 -6.88 -4.04
N VAL A 17 14.97 -6.15 -2.94
CA VAL A 17 14.66 -6.72 -1.63
C VAL A 17 13.19 -7.10 -1.51
N VAL A 18 12.32 -6.37 -2.19
CA VAL A 18 10.89 -6.67 -2.12
C VAL A 18 10.47 -7.78 -3.08
N GLU A 19 10.92 -7.69 -4.33
CA GLU A 19 10.60 -8.70 -5.33
C GLU A 19 11.19 -10.07 -4.97
N LEU A 20 12.22 -10.07 -4.13
CA LEU A 20 12.93 -11.30 -3.78
C LEU A 20 12.72 -11.74 -2.34
N GLY A 21 12.12 -10.87 -1.53
CA GLY A 21 11.81 -11.18 -0.14
C GLY A 21 12.96 -11.62 0.75
N SER A 22 14.10 -10.93 0.65
CA SER A 22 15.28 -11.23 1.47
C SER A 22 16.38 -10.21 1.24
N PHE A 23 17.07 -9.81 2.31
CA PHE A 23 18.20 -8.90 2.19
C PHE A 23 19.43 -9.59 1.61
N ASP A 24 19.66 -10.83 2.04
CA ASP A 24 20.78 -11.64 1.54
C ASP A 24 20.60 -11.99 0.07
N ALA A 25 19.39 -12.41 -0.29
CA ALA A 25 19.09 -12.74 -1.67
C ALA A 25 19.45 -11.57 -2.57
N ALA A 26 18.81 -10.43 -2.32
CA ALA A 26 18.98 -9.26 -3.18
C ALA A 26 20.40 -8.73 -3.18
N ALA A 27 21.22 -9.24 -2.25
CA ALA A 27 22.64 -8.88 -2.20
C ALA A 27 23.43 -9.70 -3.21
N GLU A 28 23.20 -11.00 -3.20
CA GLU A 28 23.80 -11.90 -4.18
C GLU A 28 23.00 -11.80 -5.47
N ARG A 29 22.59 -10.58 -5.81
CA ARG A 29 21.80 -10.34 -7.01
C ARG A 29 22.17 -8.99 -7.61
N LEU A 30 22.91 -8.21 -6.82
CA LEU A 30 23.36 -6.88 -7.23
C LEU A 30 24.84 -6.71 -6.91
N HIS A 31 25.48 -7.80 -6.49
CA HIS A 31 26.90 -7.77 -6.20
C HIS A 31 27.19 -6.74 -5.10
N VAL A 32 26.84 -7.06 -3.87
CA VAL A 32 27.10 -6.20 -2.72
C VAL A 32 26.83 -6.92 -1.41
N THR A 33 27.42 -6.43 -0.32
CA THR A 33 27.24 -7.03 0.99
C THR A 33 25.88 -6.65 1.62
N PRO A 34 25.28 -7.60 2.36
CA PRO A 34 24.09 -7.29 3.16
C PRO A 34 24.17 -5.86 3.67
N SER A 35 25.25 -5.55 4.37
CA SER A 35 25.49 -4.20 4.89
C SER A 35 25.18 -3.09 3.86
N ALA A 36 25.71 -3.24 2.65
CA ALA A 36 25.51 -2.26 1.57
C ALA A 36 24.04 -2.12 1.27
N VAL A 37 23.40 -3.24 0.99
CA VAL A 37 21.96 -3.28 0.76
C VAL A 37 21.23 -2.62 1.93
N SER A 38 21.69 -2.92 3.14
CA SER A 38 21.08 -2.36 4.34
C SER A 38 21.24 -0.85 4.42
N GLN A 39 22.45 -0.36 4.19
CA GLN A 39 22.70 1.07 4.24
C GLN A 39 22.02 1.74 3.07
N ARG A 40 21.91 0.99 1.97
CA ARG A 40 21.34 1.55 0.77
C ARG A 40 19.86 1.82 0.97
N ILE A 41 19.16 0.82 1.49
CA ILE A 41 17.76 0.99 1.87
C ILE A 41 17.60 2.02 3.02
N LYS A 42 18.48 1.93 4.01
CA LYS A 42 18.53 2.90 5.10
C LYS A 42 18.72 4.35 4.63
N SER A 43 19.65 4.56 3.71
CA SER A 43 19.96 5.91 3.27
C SER A 43 18.76 6.46 2.52
N LEU A 44 18.06 5.55 1.86
CA LEU A 44 16.86 5.85 1.11
C LEU A 44 15.68 6.09 2.03
N GLU A 45 15.61 5.29 3.11
CA GLU A 45 14.64 5.50 4.18
C GLU A 45 14.90 6.82 4.85
N GLN A 46 16.18 7.16 5.01
CA GLN A 46 16.60 8.45 5.54
C GLN A 46 16.12 9.59 4.65
N GLN A 47 16.53 9.56 3.39
CA GLN A 47 16.18 10.62 2.46
C GLN A 47 14.67 10.86 2.42
N VAL A 48 13.90 9.79 2.40
CA VAL A 48 12.47 9.90 2.21
C VAL A 48 11.72 10.03 3.54
N GLY A 49 12.37 9.61 4.61
CA GLY A 49 11.88 9.89 5.94
C GLY A 49 10.89 8.88 6.44
N GLN A 50 10.81 7.74 5.74
CA GLN A 50 9.83 6.71 6.00
C GLN A 50 10.49 5.34 6.04
N VAL A 51 9.93 4.44 6.83
CA VAL A 51 10.38 3.07 6.74
C VAL A 51 9.73 2.53 5.48
N LEU A 52 10.50 1.76 4.69
CA LEU A 52 10.07 1.35 3.34
C LEU A 52 9.91 -0.15 3.15
N VAL A 53 10.56 -0.93 4.01
CA VAL A 53 10.57 -2.38 3.89
C VAL A 53 10.37 -3.01 5.25
N VAL A 54 9.36 -3.86 5.38
CA VAL A 54 9.27 -4.70 6.56
C VAL A 54 10.40 -5.72 6.48
N ARG A 55 11.27 -5.74 7.50
CA ARG A 55 12.47 -6.56 7.46
C ARG A 55 12.21 -8.06 7.66
N GLU A 56 11.03 -8.39 8.19
CA GLU A 56 10.74 -9.74 8.66
C GLU A 56 10.61 -10.82 7.59
N LYS A 57 10.53 -12.05 8.09
CA LYS A 57 10.14 -13.27 7.34
C LYS A 57 10.32 -13.17 5.82
N PRO A 58 9.25 -12.86 5.05
CA PRO A 58 9.55 -12.45 3.68
C PRO A 58 9.49 -10.93 3.59
N CYS A 59 10.45 -10.30 2.93
CA CYS A 59 10.48 -8.85 2.87
C CYS A 59 9.44 -8.29 1.92
N ARG A 60 8.61 -7.38 2.42
CA ARG A 60 7.61 -6.73 1.59
C ARG A 60 7.70 -5.22 1.75
N ALA A 61 7.18 -4.50 0.77
CA ALA A 61 7.11 -3.05 0.85
C ALA A 61 6.09 -2.63 1.90
N THR A 62 6.38 -1.53 2.60
CA THR A 62 5.38 -0.90 3.43
C THR A 62 4.54 -0.09 2.48
N THR A 63 3.43 0.42 2.99
CA THR A 63 2.59 1.28 2.18
C THR A 63 3.42 2.38 1.53
N ALA A 64 4.31 2.99 2.29
CA ALA A 64 5.00 4.17 1.78
C ALA A 64 6.09 3.78 0.79
N GLY A 65 6.40 2.50 0.76
CA GLY A 65 7.42 2.02 -0.16
C GLY A 65 6.85 1.63 -1.51
N ILE A 66 5.52 1.55 -1.60
CA ILE A 66 4.88 1.23 -2.87
C ILE A 66 5.31 2.21 -3.98
N PRO A 67 5.11 3.52 -3.77
CA PRO A 67 5.47 4.49 -4.81
C PRO A 67 6.94 4.42 -5.27
N LEU A 68 7.88 4.15 -4.39
CA LEU A 68 9.27 4.00 -4.81
C LEU A 68 9.49 2.67 -5.53
N LEU A 69 8.64 1.69 -5.24
CA LEU A 69 8.68 0.43 -5.94
C LEU A 69 8.39 0.66 -7.40
N ARG A 70 7.32 1.41 -7.63
CA ARG A 70 6.92 1.82 -8.96
C ARG A 70 8.03 2.66 -9.59
N LEU A 71 8.52 3.63 -8.83
CA LEU A 71 9.59 4.51 -9.27
C LEU A 71 10.79 3.72 -9.79
N ALA A 72 11.15 2.67 -9.06
CA ALA A 72 12.28 1.85 -9.46
C ALA A 72 12.04 1.23 -10.84
N ALA A 73 10.80 0.80 -11.09
CA ALA A 73 10.50 0.04 -12.31
C ALA A 73 10.29 0.94 -13.53
N GLN A 74 9.72 2.12 -13.32
CA GLN A 74 9.55 3.03 -14.43
C GLN A 74 10.94 3.50 -14.82
N THR A 75 11.78 3.70 -13.83
CA THR A 75 13.15 4.13 -14.06
C THR A 75 13.94 3.07 -14.81
N ALA A 76 13.72 1.81 -14.44
CA ALA A 76 14.41 0.70 -15.07
C ALA A 76 14.05 0.56 -16.55
N LEU A 77 12.81 0.91 -16.89
CA LEU A 77 12.36 0.84 -18.28
C LEU A 77 12.85 2.06 -19.04
N LEU A 78 12.70 3.23 -18.43
CA LEU A 78 13.21 4.47 -18.98
C LEU A 78 14.69 4.32 -19.29
N GLU A 79 15.41 3.74 -18.35
CA GLU A 79 16.85 3.56 -18.50
C GLU A 79 17.20 2.64 -19.68
N SER A 80 16.57 1.47 -19.77
CA SER A 80 16.95 0.51 -20.80
C SER A 80 16.53 0.96 -22.20
N GLU A 81 15.57 1.88 -22.27
CA GLU A 81 15.22 2.50 -23.54
C GLU A 81 16.16 3.65 -23.94
N ALA A 82 16.56 4.46 -22.96
CA ALA A 82 17.43 5.59 -23.26
C ALA A 82 18.77 5.05 -23.73
N LEU A 83 19.10 3.86 -23.30
CA LEU A 83 20.38 3.27 -23.64
C LEU A 83 20.24 2.30 -24.83
N ALA A 84 19.04 2.20 -25.36
CA ALA A 84 18.82 1.48 -26.60
C ALA A 84 18.59 2.47 -27.72
N GLU A 85 18.15 3.68 -27.36
CA GLU A 85 18.07 4.79 -28.30
C GLU A 85 19.49 5.25 -28.60
N MET A 86 20.43 4.80 -27.77
CA MET A 86 21.84 5.07 -28.01
C MET A 86 22.44 4.00 -28.92
N GLY A 87 22.31 2.74 -28.52
CA GLY A 87 22.88 1.64 -29.28
C GLY A 87 22.08 1.23 -30.50
N ALA A 90 18.81 -0.76 -30.78
CA ALA A 90 18.17 -2.03 -30.43
C ALA A 90 18.78 -3.21 -31.19
N SER A 91 18.21 -3.51 -32.36
CA SER A 91 18.64 -4.64 -33.20
C SER A 91 18.12 -6.00 -32.69
N LEU A 92 18.31 -6.26 -31.40
CA LEU A 92 17.88 -7.52 -30.79
C LEU A 92 16.89 -7.28 -29.66
N LYS A 93 17.38 -6.66 -28.58
CA LYS A 93 16.59 -6.36 -27.37
C LYS A 93 15.25 -7.08 -27.22
N ARG A 94 15.16 -7.92 -26.20
CA ARG A 94 13.90 -8.53 -25.83
C ARG A 94 13.44 -8.06 -24.46
N THR A 95 12.60 -7.03 -24.44
CA THR A 95 12.19 -6.37 -23.20
C THR A 95 11.00 -7.07 -22.53
N ARG A 96 11.07 -7.21 -21.21
CA ARG A 96 10.00 -7.82 -20.44
C ARG A 96 8.92 -6.80 -20.14
N ILE A 97 7.69 -7.08 -20.58
CA ILE A 97 6.57 -6.20 -20.28
C ILE A 97 5.46 -6.96 -19.57
N THR A 98 5.02 -6.42 -18.45
CA THR A 98 3.95 -7.05 -17.69
C THR A 98 2.70 -6.20 -17.76
N ILE A 99 1.60 -6.82 -18.19
CA ILE A 99 0.35 -6.10 -18.21
C ILE A 99 -0.77 -6.91 -17.60
N ALA A 100 -1.60 -6.23 -16.80
CA ALA A 100 -2.78 -6.84 -16.24
C ALA A 100 -3.94 -6.84 -17.25
N VAL A 101 -4.77 -7.87 -17.22
CA VAL A 101 -5.95 -7.96 -18.10
C VAL A 101 -7.12 -8.70 -17.43
N ASN A 102 -8.28 -8.05 -17.32
CA ASN A 102 -9.47 -8.70 -16.79
C ASN A 102 -9.89 -9.90 -17.63
N ALA A 103 -10.35 -10.96 -16.95
CA ALA A 103 -10.65 -12.25 -17.57
C ALA A 103 -11.49 -12.15 -18.83
N ASP A 104 -12.57 -11.37 -18.75
CA ASP A 104 -13.49 -11.17 -19.87
C ASP A 104 -12.84 -10.52 -21.10
N SER A 105 -11.83 -9.68 -20.90
CA SER A 105 -11.14 -9.11 -22.05
C SER A 105 -10.19 -10.10 -22.71
N MET A 106 -9.55 -10.94 -21.92
CA MET A 106 -8.58 -11.88 -22.46
C MET A 106 -9.28 -12.92 -23.32
N ALA A 107 -10.50 -13.29 -22.96
CA ALA A 107 -11.20 -14.32 -23.69
C ALA A 107 -11.83 -13.78 -24.97
N THR A 108 -12.01 -12.48 -25.05
CA THR A 108 -12.65 -11.91 -26.21
C THR A 108 -11.66 -11.12 -27.06
N TRP A 109 -11.66 -9.80 -26.91
CA TRP A 109 -10.91 -8.97 -27.82
C TRP A 109 -9.39 -8.95 -27.63
N PHE A 110 -8.92 -9.01 -26.37
CA PHE A 110 -7.49 -8.77 -26.10
C PHE A 110 -6.55 -9.69 -26.85
N SER A 111 -6.99 -10.92 -27.08
CA SER A 111 -6.22 -11.89 -27.83
C SER A 111 -5.44 -11.29 -28.99
N ALA A 112 -6.04 -10.31 -29.67
CA ALA A 112 -5.48 -9.76 -30.90
C ALA A 112 -4.12 -9.13 -30.68
N VAL A 113 -3.83 -8.76 -29.44
CA VAL A 113 -2.65 -7.97 -29.12
C VAL A 113 -1.34 -8.71 -29.38
N PHE A 114 -1.41 -10.04 -29.35
CA PHE A 114 -0.21 -10.86 -29.56
C PHE A 114 0.21 -10.80 -31.02
N ASP A 115 -0.78 -10.80 -31.91
CA ASP A 115 -0.52 -10.84 -33.33
C ASP A 115 0.29 -9.65 -33.78
N GLY A 116 -0.08 -8.48 -33.25
CA GLY A 116 0.60 -7.25 -33.57
C GLY A 116 1.60 -6.89 -32.50
N LEU A 117 2.40 -7.86 -32.09
CA LEU A 117 3.33 -7.62 -31.00
C LEU A 117 4.79 -7.95 -31.33
N GLY A 118 5.69 -7.11 -30.82
CA GLY A 118 7.11 -7.32 -30.97
C GLY A 118 7.85 -6.01 -30.82
N ASP A 119 9.15 -6.10 -30.55
CA ASP A 119 9.79 -7.36 -30.25
C ASP A 119 9.99 -7.41 -28.74
N VAL A 120 9.06 -8.06 -28.04
CA VAL A 120 8.98 -7.94 -26.59
C VAL A 120 8.51 -9.21 -25.87
N LEU A 121 9.10 -9.52 -24.72
CA LEU A 121 8.70 -10.66 -23.91
C LEU A 121 7.51 -10.28 -23.04
N LEU A 122 6.41 -11.03 -23.20
CA LEU A 122 5.13 -10.73 -22.56
C LEU A 122 4.92 -11.48 -21.25
N ASP A 123 4.49 -10.75 -20.21
CA ASP A 123 4.06 -11.37 -18.97
C ASP A 123 2.68 -10.86 -18.61
N VAL A 124 1.67 -11.67 -18.90
CA VAL A 124 0.28 -11.28 -18.75
C VAL A 124 -0.32 -11.88 -17.49
N ARG A 125 -1.07 -11.05 -16.76
CA ARG A 125 -1.71 -11.46 -15.53
C ARG A 125 -3.20 -11.28 -15.69
N ILE A 126 -3.97 -12.28 -15.31
CA ILE A 126 -5.41 -12.12 -15.33
C ILE A 126 -5.85 -11.63 -13.97
N GLU A 127 -6.24 -10.37 -13.91
CA GLU A 127 -6.60 -9.77 -12.64
C GLU A 127 -7.88 -8.97 -12.79
N ASP A 128 -8.66 -8.89 -11.72
CA ASP A 128 -9.84 -8.05 -11.75
C ASP A 128 -9.46 -6.58 -11.56
N GLN A 129 -10.45 -5.73 -11.36
CA GLN A 129 -10.23 -4.30 -11.21
C GLN A 129 -9.27 -4.02 -10.08
N ASP A 130 -9.58 -4.56 -8.90
CA ASP A 130 -8.78 -4.23 -7.73
C ASP A 130 -7.37 -4.80 -7.81
N HIS A 131 -7.27 -6.09 -8.11
CA HIS A 131 -5.97 -6.72 -8.22
C HIS A 131 -5.03 -5.98 -9.18
N SER A 132 -5.56 -5.52 -10.32
CA SER A 132 -4.75 -4.86 -11.34
C SER A 132 -4.28 -3.46 -10.94
N ALA A 133 -5.15 -2.69 -10.27
CA ALA A 133 -4.74 -1.38 -9.76
C ALA A 133 -3.56 -1.50 -8.80
N ARG A 134 -3.52 -2.58 -8.01
CA ARG A 134 -2.39 -2.81 -7.11
C ARG A 134 -1.09 -2.99 -7.89
N LEU A 135 -1.12 -3.88 -8.88
CA LEU A 135 0.04 -4.17 -9.70
C LEU A 135 0.53 -2.93 -10.47
N LEU A 136 -0.39 -2.02 -10.75
CA LEU A 136 0.02 -0.76 -11.37
C LEU A 136 0.74 0.13 -10.35
N ARG A 137 0.11 0.37 -9.21
CA ARG A 137 0.74 1.13 -8.15
C ARG A 137 2.13 0.59 -7.82
N GLU A 138 2.25 -0.73 -7.75
CA GLU A 138 3.48 -1.37 -7.28
C GLU A 138 4.57 -1.51 -8.36
N GLY A 139 4.32 -0.95 -9.55
CA GLY A 139 5.25 -1.02 -10.65
C GLY A 139 5.34 -2.40 -11.27
N VAL A 140 4.60 -3.35 -10.71
CA VAL A 140 4.60 -4.72 -11.22
C VAL A 140 4.11 -4.77 -12.66
N ALA A 141 3.04 -4.04 -12.95
CA ALA A 141 2.51 -3.96 -14.32
C ALA A 141 2.77 -2.58 -14.91
N MET A 142 3.16 -2.54 -16.17
CA MET A 142 3.39 -1.26 -16.86
C MET A 142 2.15 -0.84 -17.65
N GLY A 143 1.03 -1.50 -17.37
CA GLY A 143 -0.24 -1.19 -17.99
C GLY A 143 -1.28 -2.26 -17.72
N ALA A 144 -2.56 -1.87 -17.72
CA ALA A 144 -3.65 -2.82 -17.41
C ALA A 144 -4.99 -2.46 -18.04
N VAL A 145 -5.67 -3.44 -18.62
CA VAL A 145 -7.06 -3.27 -18.99
C VAL A 145 -7.88 -3.42 -17.71
N THR A 146 -8.63 -2.38 -17.33
CA THR A 146 -9.34 -2.36 -16.07
C THR A 146 -10.68 -1.67 -16.23
N THR A 147 -11.61 -1.92 -15.31
CA THR A 147 -12.92 -1.28 -15.38
C THR A 147 -12.84 0.05 -14.70
N GLU A 148 -11.61 0.39 -14.28
CA GLU A 148 -11.35 1.58 -13.51
C GLU A 148 -11.14 2.81 -14.36
N ARG A 149 -12.06 3.75 -14.27
CA ARG A 149 -11.91 5.03 -14.96
C ARG A 149 -10.88 5.98 -14.30
N ASN A 150 -10.82 5.97 -12.97
CA ASN A 150 -9.93 6.90 -12.25
C ASN A 150 -8.46 6.56 -12.45
N PRO A 151 -7.64 7.56 -12.74
CA PRO A 151 -6.21 7.28 -12.94
C PRO A 151 -5.56 6.77 -11.66
N VAL A 152 -4.98 5.58 -11.71
CA VAL A 152 -4.19 5.12 -10.58
C VAL A 152 -2.89 5.87 -10.64
N PRO A 153 -2.23 6.04 -9.47
CA PRO A 153 -0.98 6.78 -9.26
C PRO A 153 0.13 6.42 -10.27
N GLY A 154 0.66 7.45 -10.94
CA GLY A 154 1.69 7.26 -11.93
C GLY A 154 1.18 6.71 -13.25
N CYS A 155 -0.10 6.92 -13.54
CA CYS A 155 -0.74 6.29 -14.69
C CYS A 155 -1.63 7.20 -15.52
N ARG A 156 -1.47 7.14 -16.85
CA ARG A 156 -2.43 7.74 -17.78
C ARG A 156 -3.62 6.79 -18.05
N VAL A 157 -4.78 7.37 -18.29
CA VAL A 157 -6.00 6.61 -18.55
C VAL A 157 -6.47 6.79 -19.99
N HIS A 158 -6.67 5.67 -20.68
CA HIS A 158 -7.22 5.65 -22.04
C HIS A 158 -8.53 4.87 -22.13
N PRO A 159 -9.60 5.52 -22.63
CA PRO A 159 -10.85 4.77 -22.79
C PRO A 159 -10.69 3.82 -23.94
N LEU A 160 -11.31 2.65 -23.83
CA LEU A 160 -11.17 1.63 -24.86
C LEU A 160 -12.50 1.39 -25.56
N GLY A 161 -13.58 1.79 -24.89
CA GLY A 161 -14.94 1.47 -25.31
C GLY A 161 -15.70 0.79 -24.19
N GLU A 162 -16.88 0.27 -24.47
CA GLU A 162 -17.61 -0.52 -23.49
C GLU A 162 -17.84 -1.95 -23.96
N MET A 163 -17.82 -2.89 -23.02
CA MET A 163 -18.10 -4.30 -23.29
C MET A 163 -19.56 -4.56 -22.92
N ARG A 164 -20.33 -5.19 -23.79
CA ARG A 164 -21.71 -5.49 -23.44
C ARG A 164 -21.88 -6.88 -22.83
N TYR A 165 -22.70 -6.97 -21.78
CA TYR A 165 -22.97 -8.23 -21.11
C TYR A 165 -24.44 -8.66 -21.24
N LEU A 166 -24.66 -9.83 -21.83
CA LEU A 166 -26.02 -10.38 -22.00
C LEU A 166 -26.31 -11.40 -20.92
N PRO A 167 -27.48 -11.31 -20.28
CA PRO A 167 -27.88 -12.30 -19.27
C PRO A 167 -28.35 -13.57 -19.98
N VAL A 168 -27.62 -14.67 -19.84
CA VAL A 168 -27.94 -15.84 -20.64
C VAL A 168 -28.02 -17.16 -19.86
N ALA A 169 -28.45 -18.21 -20.57
CA ALA A 169 -28.61 -19.56 -20.02
C ALA A 169 -28.95 -20.49 -21.17
N SER A 170 -28.91 -21.78 -20.91
CA SER A 170 -29.29 -22.78 -21.89
C SER A 170 -30.80 -22.93 -21.88
N ARG A 171 -31.36 -23.45 -22.96
CA ARG A 171 -32.81 -23.57 -23.09
C ARG A 171 -33.42 -24.48 -22.02
N PRO A 172 -32.78 -25.63 -21.74
CA PRO A 172 -33.21 -26.45 -20.61
C PRO A 172 -33.33 -25.64 -19.33
N PHE A 173 -32.33 -24.82 -19.02
CA PHE A 173 -32.42 -23.96 -17.84
C PHE A 173 -33.64 -23.03 -17.86
N VAL A 174 -33.91 -22.42 -19.01
CA VAL A 174 -35.08 -21.56 -19.14
C VAL A 174 -36.37 -22.33 -18.94
N GLN A 175 -36.52 -23.45 -19.65
CA GLN A 175 -37.68 -24.33 -19.44
C GLN A 175 -37.90 -24.60 -17.95
N ARG A 176 -36.89 -25.11 -17.27
CA ARG A 176 -37.09 -25.52 -15.89
C ARG A 176 -37.37 -24.32 -14.97
N HIS A 177 -36.70 -23.20 -15.20
CA HIS A 177 -36.71 -22.13 -14.20
C HIS A 177 -37.32 -20.81 -14.66
N LEU A 178 -37.37 -20.61 -15.97
CA LEU A 178 -37.89 -19.35 -16.52
C LEU A 178 -38.88 -19.61 -17.64
N SER A 179 -39.76 -20.57 -17.42
CA SER A 179 -40.80 -20.88 -18.40
C SER A 179 -41.71 -19.67 -18.54
N ASP A 180 -42.03 -19.04 -17.41
CA ASP A 180 -42.93 -17.90 -17.41
C ASP A 180 -42.22 -16.57 -17.56
N GLY A 181 -40.93 -16.63 -17.89
CA GLY A 181 -40.15 -15.43 -18.10
C GLY A 181 -39.38 -14.96 -16.88
N PHE A 182 -38.75 -13.79 -17.01
CA PHE A 182 -37.79 -13.31 -16.03
C PHE A 182 -38.43 -12.42 -14.95
N THR A 183 -39.37 -13.00 -14.22
CA THR A 183 -40.06 -12.29 -13.15
C THR A 183 -39.22 -12.22 -11.89
N ALA A 184 -39.56 -11.31 -10.99
CA ALA A 184 -38.87 -11.23 -9.69
C ALA A 184 -39.24 -12.38 -8.75
N ALA A 185 -40.28 -13.13 -9.11
CA ALA A 185 -40.63 -14.32 -8.34
C ALA A 185 -39.84 -15.50 -8.90
N ALA A 186 -39.64 -15.47 -10.21
CA ALA A 186 -38.85 -16.50 -10.89
C ALA A 186 -37.36 -16.30 -10.62
N ALA A 187 -36.94 -15.03 -10.63
CA ALA A 187 -35.53 -14.69 -10.44
C ALA A 187 -35.05 -14.91 -9.01
N ALA A 188 -35.98 -14.99 -8.07
CA ALA A 188 -35.68 -15.29 -6.69
C ALA A 188 -35.46 -16.79 -6.51
N LYS A 189 -35.88 -17.57 -7.49
CA LYS A 189 -35.80 -19.03 -7.39
C LYS A 189 -34.80 -19.66 -8.36
N ALA A 190 -34.77 -19.16 -9.59
CA ALA A 190 -33.82 -19.68 -10.58
C ALA A 190 -32.39 -19.48 -10.10
N PRO A 191 -31.56 -20.53 -10.20
CA PRO A 191 -30.16 -20.37 -9.80
C PRO A 191 -29.41 -19.40 -10.70
N SER A 192 -28.69 -18.44 -10.11
CA SER A 192 -27.81 -17.60 -10.92
C SER A 192 -26.36 -18.08 -10.81
N LEU A 193 -25.52 -17.62 -11.72
CA LEU A 193 -24.09 -17.89 -11.64
C LEU A 193 -23.32 -16.66 -11.15
N ALA A 194 -22.00 -16.77 -11.20
CA ALA A 194 -21.11 -15.72 -10.77
C ALA A 194 -19.69 -16.27 -10.68
N TRP A 195 -18.71 -15.41 -10.89
CA TRP A 195 -17.31 -15.82 -10.78
C TRP A 195 -16.91 -15.99 -9.33
N ASN A 196 -17.51 -15.17 -8.47
CA ASN A 196 -17.22 -15.21 -7.04
C ASN A 196 -18.04 -14.14 -6.32
N ARG A 197 -17.73 -13.88 -5.05
CA ARG A 197 -18.55 -12.95 -4.26
C ARG A 197 -18.43 -11.51 -4.76
N ASP A 198 -17.23 -11.12 -5.19
CA ASP A 198 -17.00 -9.75 -5.66
C ASP A 198 -17.61 -9.48 -7.03
N ASP A 199 -18.01 -10.54 -7.73
CA ASP A 199 -18.69 -10.39 -9.02
C ASP A 199 -20.04 -9.73 -8.81
N GLY A 200 -20.22 -8.54 -9.37
CA GLY A 200 -21.44 -7.80 -9.18
C GLY A 200 -22.26 -7.77 -10.44
N LEU A 201 -21.71 -8.35 -11.52
CA LEU A 201 -22.35 -8.32 -12.82
C LEU A 201 -23.83 -8.74 -12.79
N GLN A 202 -24.13 -9.89 -12.21
CA GLN A 202 -25.49 -10.38 -12.16
C GLN A 202 -26.37 -9.46 -11.29
N ASP A 203 -25.74 -8.86 -10.28
CA ASP A 203 -26.48 -8.03 -9.34
C ASP A 203 -26.92 -6.72 -9.98
N MET A 204 -26.15 -6.22 -10.94
CA MET A 204 -26.48 -4.96 -11.58
C MET A 204 -27.70 -5.13 -12.46
N LEU A 205 -27.74 -6.25 -13.20
CA LEU A 205 -29.00 -6.76 -13.72
C LEU A 205 -29.77 -7.12 -12.46
N VAL A 206 -31.06 -7.38 -12.59
CA VAL A 206 -31.88 -7.62 -11.40
C VAL A 206 -32.19 -6.27 -10.79
N ARG A 207 -31.15 -5.52 -10.42
CA ARG A 207 -31.31 -4.11 -10.09
C ARG A 207 -31.88 -3.36 -11.30
N LYS A 208 -31.17 -3.40 -12.41
CA LYS A 208 -31.63 -2.77 -13.63
C LYS A 208 -33.00 -3.31 -14.04
N ALA A 209 -33.22 -4.59 -13.77
CA ALA A 209 -34.41 -5.27 -14.26
C ALA A 209 -35.60 -5.10 -13.33
N PHE A 210 -35.34 -4.96 -12.04
CA PHE A 210 -36.40 -4.92 -11.05
C PHE A 210 -36.25 -3.78 -10.05
N ARG A 211 -35.43 -2.80 -10.40
CA ARG A 211 -35.26 -1.59 -9.60
C ARG A 211 -35.05 -1.91 -8.13
N ARG A 212 -34.78 -3.19 -7.87
CA ARG A 212 -34.69 -3.71 -6.51
C ARG A 212 -33.40 -4.53 -6.36
N ALA A 213 -33.51 -5.68 -5.70
CA ALA A 213 -32.38 -6.57 -5.48
C ALA A 213 -32.92 -7.86 -4.88
N ILE A 214 -32.63 -8.97 -5.56
CA ILE A 214 -33.23 -10.26 -5.22
C ILE A 214 -32.17 -11.28 -4.80
N THR A 215 -32.25 -11.80 -3.58
CA THR A 215 -31.36 -12.89 -3.23
C THR A 215 -31.86 -14.24 -3.78
N ARG A 216 -30.93 -15.00 -4.35
CA ARG A 216 -31.24 -16.24 -5.05
C ARG A 216 -30.19 -17.31 -4.79
N PRO A 217 -30.47 -18.55 -5.22
CA PRO A 217 -29.38 -19.53 -5.21
C PRO A 217 -28.35 -19.15 -6.26
N THR A 218 -27.09 -19.09 -5.88
CA THR A 218 -26.05 -18.70 -6.82
C THR A 218 -24.79 -19.56 -6.76
N HIS A 219 -24.44 -20.15 -7.91
CA HIS A 219 -23.22 -20.91 -8.08
C HIS A 219 -22.04 -20.01 -8.31
N PHE A 220 -20.88 -20.38 -7.77
CA PHE A 220 -19.65 -19.64 -8.05
C PHE A 220 -18.65 -20.45 -8.84
N VAL A 221 -18.52 -20.10 -10.12
CA VAL A 221 -17.64 -20.83 -11.01
C VAL A 221 -16.78 -19.86 -11.81
N PRO A 222 -15.47 -19.89 -11.54
CA PRO A 222 -14.52 -18.96 -12.13
C PRO A 222 -13.96 -19.51 -13.44
N THR A 223 -13.24 -18.64 -14.16
CA THR A 223 -12.59 -18.93 -15.45
C THR A 223 -13.59 -18.93 -16.60
N THR A 224 -13.07 -18.77 -17.80
CA THR A 224 -13.93 -18.71 -18.98
C THR A 224 -14.54 -20.09 -19.24
N GLU A 225 -13.71 -21.13 -19.24
CA GLU A 225 -14.23 -22.48 -19.48
C GLU A 225 -15.15 -22.90 -18.35
N GLY A 226 -14.72 -22.60 -17.12
CA GLY A 226 -15.49 -22.94 -15.94
C GLY A 226 -16.86 -22.29 -15.93
N PHE A 227 -16.89 -20.97 -16.14
CA PHE A 227 -18.15 -20.20 -16.15
C PHE A 227 -18.96 -20.63 -17.34
N THR A 228 -18.28 -20.92 -18.45
CA THR A 228 -18.99 -21.29 -19.67
C THR A 228 -19.65 -22.69 -19.58
N ALA A 229 -18.93 -23.65 -19.01
CA ALA A 229 -19.50 -25.00 -18.82
C ALA A 229 -20.70 -24.95 -17.88
N ALA A 230 -20.56 -24.24 -16.77
CA ALA A 230 -21.67 -24.04 -15.86
C ALA A 230 -22.93 -23.64 -16.61
N ALA A 231 -22.84 -22.57 -17.42
CA ALA A 231 -24.00 -22.08 -18.12
C ALA A 231 -24.46 -23.10 -19.15
N ARG A 232 -23.53 -23.62 -19.93
CA ARG A 232 -23.87 -24.61 -20.94
C ARG A 232 -24.53 -25.84 -20.30
N ALA A 233 -24.12 -26.18 -19.08
CA ALA A 233 -24.67 -27.29 -18.32
C ALA A 233 -25.89 -26.91 -17.46
N GLY A 234 -26.64 -25.90 -17.88
CA GLY A 234 -27.85 -25.51 -17.20
C GLY A 234 -27.82 -25.28 -15.69
N LEU A 235 -26.64 -25.08 -15.12
CA LEU A 235 -26.56 -24.78 -13.68
C LEU A 235 -27.28 -23.50 -13.29
N GLY A 236 -27.25 -22.49 -14.14
CA GLY A 236 -27.83 -21.19 -13.82
C GLY A 236 -27.69 -20.19 -14.93
N TRP A 237 -28.28 -19.01 -14.76
CA TRP A 237 -28.07 -17.90 -15.71
C TRP A 237 -26.93 -17.01 -15.21
N GLY A 238 -26.28 -16.32 -16.14
CA GLY A 238 -25.16 -15.44 -15.82
C GLY A 238 -24.85 -14.42 -16.90
N MET A 239 -24.10 -13.38 -16.56
CA MET A 239 -23.75 -12.36 -17.52
C MET A 239 -22.49 -12.72 -18.34
N PHE A 240 -22.64 -12.69 -19.66
CA PHE A 240 -21.58 -13.09 -20.57
C PHE A 240 -21.19 -11.98 -21.54
N PRO A 241 -19.88 -11.76 -21.71
CA PRO A 241 -19.49 -10.83 -22.76
C PRO A 241 -20.18 -11.26 -24.04
N GLU A 242 -20.84 -10.33 -24.71
CA GLU A 242 -21.56 -10.69 -25.93
C GLU A 242 -20.70 -11.42 -26.94
N LYS A 243 -19.44 -11.04 -27.13
CA LYS A 243 -18.60 -11.75 -28.08
C LYS A 243 -18.64 -13.26 -27.84
N LEU A 244 -18.75 -13.64 -26.56
CA LEU A 244 -18.73 -15.03 -26.12
C LEU A 244 -20.10 -15.73 -26.22
N ALA A 245 -21.18 -14.95 -26.13
CA ALA A 245 -22.53 -15.50 -26.22
C ALA A 245 -22.95 -15.60 -27.68
N ALA A 246 -22.30 -14.80 -28.52
CA ALA A 246 -22.65 -14.72 -29.94
C ALA A 246 -22.77 -16.11 -30.52
N SER A 247 -21.81 -16.97 -30.20
CA SER A 247 -21.78 -18.30 -30.77
C SER A 247 -22.90 -19.23 -30.23
N PRO A 248 -23.02 -19.37 -28.88
CA PRO A 248 -24.10 -20.20 -28.34
C PRO A 248 -25.50 -19.64 -28.61
N LEU A 249 -25.59 -18.39 -29.01
CA LEU A 249 -26.89 -17.86 -29.40
C LEU A 249 -27.27 -18.38 -30.80
N ALA A 250 -26.26 -18.68 -31.62
CA ALA A 250 -26.50 -19.23 -32.95
C ALA A 250 -26.80 -20.71 -32.83
N ASP A 251 -25.83 -21.47 -32.32
CA ASP A 251 -26.02 -22.85 -31.84
C ASP A 251 -27.40 -23.22 -31.32
N GLY A 252 -28.08 -22.28 -30.67
CA GLY A 252 -29.24 -22.59 -29.91
C GLY A 252 -28.81 -22.97 -28.49
N SER A 253 -27.52 -23.21 -28.32
CA SER A 253 -26.98 -23.62 -27.02
C SER A 253 -27.30 -22.65 -25.86
N PHE A 254 -27.31 -21.33 -26.14
CA PHE A 254 -27.72 -20.33 -25.16
C PHE A 254 -28.98 -19.61 -25.61
N VAL A 255 -29.77 -19.13 -24.66
CA VAL A 255 -30.81 -18.14 -24.96
C VAL A 255 -30.83 -16.96 -23.98
N ARG A 256 -31.05 -15.75 -24.49
CA ARG A 256 -31.21 -14.60 -23.62
C ARG A 256 -32.36 -14.80 -22.65
N VAL A 257 -32.04 -14.73 -21.36
CA VAL A 257 -33.00 -14.78 -20.27
C VAL A 257 -33.96 -13.59 -20.25
N CYS A 258 -33.48 -12.45 -20.72
CA CYS A 258 -34.34 -11.27 -20.83
C CYS A 258 -33.72 -10.19 -21.73
N ASP A 259 -34.49 -9.13 -21.95
CA ASP A 259 -34.19 -8.15 -22.98
C ASP A 259 -33.16 -7.10 -22.55
N ILE A 260 -32.85 -7.08 -21.25
CA ILE A 260 -31.91 -6.10 -20.71
C ILE A 260 -30.45 -6.50 -20.88
N HIS A 261 -29.56 -5.52 -20.86
CA HIS A 261 -28.12 -5.80 -20.90
C HIS A 261 -27.30 -4.84 -20.02
N LEU A 262 -26.00 -5.08 -19.95
CA LEU A 262 -25.12 -4.19 -19.20
C LEU A 262 -23.98 -3.73 -20.07
N ASP A 263 -23.77 -2.43 -20.12
CA ASP A 263 -22.57 -1.90 -20.74
C ASP A 263 -21.59 -1.52 -19.64
N VAL A 264 -20.36 -2.01 -19.79
CA VAL A 264 -19.32 -1.74 -18.82
C VAL A 264 -18.19 -1.05 -19.54
N PRO A 265 -17.94 0.22 -19.22
CA PRO A 265 -16.80 0.91 -19.80
C PRO A 265 -15.50 0.23 -19.41
N LEU A 266 -14.64 -0.03 -20.38
CA LEU A 266 -13.28 -0.44 -20.10
C LEU A 266 -12.31 0.74 -20.30
N TYR A 267 -11.13 0.64 -19.69
CA TYR A 267 -10.07 1.62 -19.81
C TYR A 267 -8.71 0.94 -19.94
N TRP A 268 -7.80 1.52 -20.72
CA TRP A 268 -6.42 1.07 -20.68
C TRP A 268 -5.60 2.07 -19.87
N GLN A 269 -5.22 1.68 -18.66
CA GLN A 269 -4.33 2.48 -17.82
C GLN A 269 -2.87 2.02 -17.93
N CYS A 270 -1.96 2.96 -18.18
CA CYS A 270 -0.54 2.64 -18.26
C CYS A 270 0.35 3.74 -17.67
N TRP A 271 1.61 3.39 -17.40
CA TRP A 271 2.58 4.35 -16.85
C TRP A 271 2.58 5.67 -17.59
N LYS A 272 2.27 6.73 -16.86
CA LYS A 272 2.41 8.08 -17.38
C LYS A 272 3.89 8.47 -17.47
N LEU A 273 4.42 8.41 -18.67
CA LEU A 273 5.80 8.75 -18.94
C LEU A 273 6.00 8.62 -20.44
N ASP A 274 7.19 8.98 -20.91
CA ASP A 274 7.53 8.78 -22.32
C ASP A 274 8.20 7.42 -22.53
N SER A 275 7.75 6.70 -23.54
CA SER A 275 8.34 5.41 -23.83
C SER A 275 7.87 4.90 -25.17
N PRO A 276 8.79 4.77 -26.11
CA PRO A 276 8.41 4.15 -27.38
C PRO A 276 7.75 2.79 -27.17
N ILE A 277 8.21 2.01 -26.19
CA ILE A 277 7.57 0.71 -25.96
C ILE A 277 6.15 0.87 -25.42
N ILE A 278 5.96 1.73 -24.43
CA ILE A 278 4.61 1.97 -23.92
C ILE A 278 3.63 2.44 -25.00
N ALA A 279 3.91 3.58 -25.63
CA ALA A 279 3.06 4.08 -26.70
C ALA A 279 2.72 2.97 -27.70
N ARG A 280 3.71 2.19 -28.10
CA ARG A 280 3.47 1.10 -29.04
C ARG A 280 2.48 0.08 -28.50
N ILE A 281 2.73 -0.43 -27.28
CA ILE A 281 1.79 -1.33 -26.63
C ILE A 281 0.40 -0.69 -26.58
N THR A 282 0.34 0.58 -26.18
CA THR A 282 -0.93 1.31 -26.10
C THR A 282 -1.67 1.32 -27.43
N ASP A 283 -0.95 1.55 -28.51
CA ASP A 283 -1.56 1.55 -29.83
C ASP A 283 -2.20 0.21 -30.11
N THR A 284 -1.47 -0.84 -29.81
CA THR A 284 -1.94 -2.18 -30.06
C THR A 284 -3.17 -2.51 -29.21
N VAL A 285 -3.08 -2.27 -27.91
CA VAL A 285 -4.22 -2.48 -27.05
C VAL A 285 -5.43 -1.71 -27.55
N ARG A 286 -5.25 -0.43 -27.83
CA ARG A 286 -6.35 0.41 -28.30
C ARG A 286 -7.00 -0.12 -29.58
N ALA A 287 -6.18 -0.62 -30.49
CA ALA A 287 -6.66 -1.13 -31.77
C ALA A 287 -7.34 -2.48 -31.61
N ALA A 288 -6.86 -3.27 -30.67
CA ALA A 288 -7.46 -4.57 -30.42
C ALA A 288 -8.88 -4.38 -29.89
N ALA A 289 -9.13 -3.20 -29.35
CA ALA A 289 -10.44 -2.93 -28.77
C ALA A 289 -11.35 -2.12 -29.70
N SER A 290 -10.94 -1.92 -30.95
CA SER A 290 -11.75 -1.14 -31.87
C SER A 290 -13.12 -1.77 -32.04
N GLY A 291 -13.22 -3.05 -31.66
CA GLY A 291 -14.45 -3.78 -31.81
C GLY A 291 -15.41 -3.72 -30.65
N LEU A 292 -15.04 -3.01 -29.58
CA LEU A 292 -15.95 -2.84 -28.46
C LEU A 292 -17.08 -1.90 -28.89
N TYR A 293 -18.10 -1.74 -28.05
CA TYR A 293 -19.14 -0.78 -28.35
C TYR A 293 -18.60 0.63 -28.01
N ARG A 294 -18.87 1.64 -28.84
CA ARG A 294 -18.21 2.93 -28.61
C ARG A 294 -18.60 3.61 -27.28
N GLY A 295 -19.86 3.52 -26.89
CA GLY A 295 -20.33 3.96 -25.57
C GLY A 295 -19.94 5.36 -25.10
N GLN A 296 -19.34 5.42 -23.90
CA GLN A 296 -18.88 6.66 -23.23
C GLN A 296 -20.02 7.48 -22.64
N GLN B 5 21.21 -0.97 -14.10
CA GLN B 5 21.14 0.42 -13.63
C GLN B 5 22.47 1.14 -13.92
N LEU B 6 22.37 2.41 -14.31
CA LEU B 6 23.55 3.23 -14.62
C LEU B 6 23.65 4.42 -13.70
N ASP B 7 22.56 4.71 -12.99
CA ASP B 7 22.45 5.88 -12.11
C ASP B 7 23.64 5.96 -11.15
N GLY B 8 23.77 7.09 -10.45
CA GLY B 8 22.84 8.20 -10.51
C GLY B 8 23.52 9.51 -10.20
N PRO B 9 24.66 9.46 -9.46
CA PRO B 9 25.56 10.60 -9.33
C PRO B 9 26.17 11.00 -10.68
N GLN B 10 26.39 10.03 -11.56
CA GLN B 10 27.03 10.30 -12.85
C GLN B 10 26.06 11.01 -13.78
N LEU B 11 24.77 10.78 -13.57
CA LEU B 11 23.76 11.37 -14.42
C LEU B 11 23.53 12.82 -14.02
N ALA B 12 23.21 13.02 -12.75
CA ALA B 12 23.06 14.37 -12.21
C ALA B 12 24.27 15.24 -12.53
N ALA B 13 25.45 14.64 -12.55
CA ALA B 13 26.66 15.36 -12.93
C ALA B 13 26.65 15.69 -14.40
N LEU B 14 26.10 14.78 -15.21
CA LEU B 14 26.00 15.03 -16.65
C LEU B 14 25.02 16.15 -16.94
N ALA B 15 23.83 16.06 -16.35
CA ALA B 15 22.80 17.07 -16.54
C ALA B 15 23.35 18.42 -16.08
N ALA B 16 24.06 18.41 -14.95
CA ALA B 16 24.67 19.62 -14.41
C ALA B 16 25.64 20.27 -15.42
N VAL B 17 26.64 19.53 -15.88
CA VAL B 17 27.61 20.09 -16.81
C VAL B 17 26.96 20.50 -18.12
N VAL B 18 25.78 19.94 -18.40
CA VAL B 18 25.10 20.23 -19.66
C VAL B 18 24.15 21.42 -19.55
N GLU B 19 23.39 21.49 -18.47
CA GLU B 19 22.42 22.56 -18.22
C GLU B 19 23.07 23.90 -17.87
N LEU B 20 23.87 23.90 -16.82
CA LEU B 20 24.83 24.97 -16.56
C LEU B 20 25.92 24.72 -17.58
N GLY B 21 26.58 25.77 -18.04
CA GLY B 21 27.48 25.58 -19.17
C GLY B 21 28.88 25.15 -18.80
N SER B 22 29.11 24.80 -17.54
CA SER B 22 30.47 24.65 -17.03
C SER B 22 30.64 23.57 -15.97
N PHE B 23 31.88 23.10 -15.80
CA PHE B 23 32.22 22.16 -14.72
C PHE B 23 32.15 22.84 -13.34
N ASP B 24 32.55 24.10 -13.27
CA ASP B 24 32.51 24.86 -12.02
C ASP B 24 31.11 24.91 -11.42
N ALA B 25 30.17 25.40 -12.20
CA ALA B 25 28.80 25.58 -11.73
C ALA B 25 28.19 24.23 -11.35
N ALA B 26 28.48 23.21 -12.15
CA ALA B 26 28.04 21.86 -11.84
C ALA B 26 28.39 21.57 -10.39
N ALA B 27 29.69 21.66 -10.09
CA ALA B 27 30.18 21.51 -8.72
C ALA B 27 29.30 22.32 -7.77
N GLU B 28 29.14 23.60 -8.09
CA GLU B 28 28.39 24.52 -7.25
C GLU B 28 26.98 24.01 -6.90
N ARG B 29 26.38 23.25 -7.81
CA ARG B 29 25.00 22.78 -7.66
C ARG B 29 24.89 21.44 -6.96
N LEU B 30 25.99 20.68 -6.96
CA LEU B 30 25.99 19.33 -6.39
C LEU B 30 26.84 19.27 -5.13
N HIS B 31 27.34 20.44 -4.71
CA HIS B 31 28.23 20.55 -3.55
C HIS B 31 29.45 19.63 -3.69
N VAL B 32 30.03 19.61 -4.89
CA VAL B 32 31.21 18.79 -5.17
C VAL B 32 32.34 19.68 -5.69
N THR B 33 33.29 19.07 -6.40
CA THR B 33 34.45 19.80 -6.86
C THR B 33 34.63 19.68 -8.37
N PRO B 34 35.24 20.68 -9.00
CA PRO B 34 35.44 20.73 -10.45
C PRO B 34 36.10 19.46 -11.00
N SER B 35 37.18 19.02 -10.38
CA SER B 35 37.87 17.82 -10.83
C SER B 35 37.08 16.56 -10.49
N ALA B 36 36.30 16.63 -9.41
CA ALA B 36 35.49 15.50 -8.98
C ALA B 36 34.34 15.18 -9.93
N VAL B 37 33.79 16.20 -10.58
CA VAL B 37 32.72 15.98 -11.55
C VAL B 37 33.28 15.62 -12.92
N SER B 38 34.50 16.06 -13.19
CA SER B 38 35.11 15.81 -14.51
C SER B 38 35.27 14.32 -14.76
N GLN B 39 35.83 13.62 -13.78
CA GLN B 39 36.03 12.17 -13.87
C GLN B 39 34.72 11.42 -13.57
N ARG B 40 33.79 12.11 -12.94
CA ARG B 40 32.45 11.60 -12.73
C ARG B 40 31.75 11.46 -14.08
N ILE B 41 32.05 12.40 -14.98
CA ILE B 41 31.50 12.40 -16.33
C ILE B 41 32.17 11.36 -17.24
N LYS B 42 33.50 11.32 -17.21
CA LYS B 42 34.28 10.42 -18.06
C LYS B 42 33.97 8.93 -17.80
N SER B 43 33.55 8.61 -16.57
CA SER B 43 33.08 7.27 -16.22
C SER B 43 31.87 6.93 -17.05
N LEU B 44 30.81 7.69 -16.82
CA LEU B 44 29.54 7.53 -17.53
C LEU B 44 29.75 7.38 -19.03
N GLU B 45 30.54 8.25 -19.64
CA GLU B 45 30.80 8.09 -21.08
C GLU B 45 31.52 6.78 -21.37
N GLN B 46 32.42 6.39 -20.45
CA GLN B 46 33.14 5.14 -20.64
C GLN B 46 32.19 3.97 -20.79
N GLN B 47 31.21 3.88 -19.88
CA GLN B 47 30.31 2.73 -19.84
C GLN B 47 29.15 2.82 -20.82
N VAL B 48 29.26 3.66 -21.85
CA VAL B 48 28.24 3.72 -22.89
C VAL B 48 28.88 3.86 -24.27
N GLY B 49 30.20 3.84 -24.29
CA GLY B 49 30.94 3.79 -25.53
C GLY B 49 30.82 5.04 -26.39
N GLN B 50 30.63 6.19 -25.75
CA GLN B 50 30.70 7.46 -26.46
C GLN B 50 30.89 8.68 -25.58
N VAL B 51 31.15 9.81 -26.22
CA VAL B 51 31.38 11.05 -25.50
C VAL B 51 30.08 11.84 -25.39
N LEU B 52 29.70 12.15 -24.16
CA LEU B 52 28.41 12.74 -23.86
C LEU B 52 28.48 14.26 -23.79
N VAL B 53 29.56 14.77 -23.20
CA VAL B 53 29.76 16.19 -23.05
C VAL B 53 30.96 16.58 -23.91
N VAL B 54 30.97 17.82 -24.40
CA VAL B 54 32.11 18.35 -25.14
C VAL B 54 32.89 19.34 -24.28
N ARG B 55 34.17 19.06 -24.09
CA ARG B 55 35.03 19.85 -23.20
C ARG B 55 34.88 21.38 -23.34
N GLU B 56 34.69 21.87 -24.56
CA GLU B 56 34.61 23.32 -24.80
C GLU B 56 33.61 24.01 -23.89
N LYS B 57 34.05 25.11 -23.26
CA LYS B 57 33.19 25.88 -22.34
C LYS B 57 32.66 27.15 -22.99
N PRO B 58 31.35 27.41 -22.88
CA PRO B 58 30.31 26.61 -22.20
C PRO B 58 30.05 25.29 -22.93
N CYS B 59 29.99 24.21 -22.17
CA CYS B 59 29.89 22.86 -22.73
C CYS B 59 28.45 22.34 -22.81
N ARG B 60 27.97 22.11 -24.03
CA ARG B 60 26.63 21.55 -24.22
C ARG B 60 26.75 20.04 -24.47
N ALA B 61 25.60 19.37 -24.51
CA ALA B 61 25.60 17.93 -24.73
C ALA B 61 25.93 17.60 -26.18
N THR B 62 26.63 16.48 -26.36
CA THR B 62 26.85 15.92 -27.67
C THR B 62 25.59 15.14 -28.06
N THR B 63 25.30 15.08 -29.36
CA THR B 63 24.13 14.36 -29.88
C THR B 63 23.92 13.04 -29.16
N ALA B 64 24.98 12.27 -29.02
CA ALA B 64 24.89 10.94 -28.43
C ALA B 64 24.67 10.98 -26.91
N GLY B 65 24.56 12.18 -26.35
CA GLY B 65 24.32 12.34 -24.93
C GLY B 65 22.96 12.94 -24.61
N ILE B 66 22.23 13.37 -25.65
CA ILE B 66 20.89 13.92 -25.48
C ILE B 66 19.96 12.97 -24.75
N PRO B 67 19.87 11.71 -25.22
CA PRO B 67 19.01 10.72 -24.55
C PRO B 67 19.31 10.62 -23.07
N LEU B 68 20.58 10.72 -22.69
CA LEU B 68 20.95 10.62 -21.28
C LEU B 68 20.53 11.86 -20.50
N LEU B 69 20.49 13.01 -21.19
CA LEU B 69 19.96 14.22 -20.58
C LEU B 69 18.45 14.05 -20.40
N ARG B 70 17.82 13.44 -21.41
CA ARG B 70 16.40 13.14 -21.33
C ARG B 70 16.15 12.20 -20.17
N LEU B 71 16.99 11.18 -20.04
CA LEU B 71 16.82 10.24 -18.94
C LEU B 71 16.84 10.98 -17.62
N ALA B 72 17.90 11.74 -17.39
CA ALA B 72 18.04 12.54 -16.18
C ALA B 72 16.77 13.33 -15.89
N ALA B 73 16.23 13.95 -16.94
CA ALA B 73 15.01 14.76 -16.84
C ALA B 73 13.78 13.96 -16.43
N GLN B 74 13.39 12.97 -17.23
CA GLN B 74 12.19 12.20 -16.90
C GLN B 74 12.34 11.46 -15.54
N THR B 75 13.51 10.89 -15.28
CA THR B 75 13.78 10.29 -13.98
C THR B 75 13.37 11.23 -12.85
N ALA B 76 13.89 12.44 -12.93
CA ALA B 76 13.67 13.44 -11.91
C ALA B 76 12.20 13.86 -11.83
N LEU B 77 11.53 13.91 -12.98
CA LEU B 77 10.11 14.26 -13.00
C LEU B 77 9.31 13.21 -12.26
N LEU B 78 9.69 11.95 -12.45
CA LEU B 78 9.01 10.87 -11.75
C LEU B 78 9.25 11.02 -10.26
N GLU B 79 10.51 10.95 -9.82
CA GLU B 79 10.85 11.09 -8.41
C GLU B 79 9.99 12.13 -7.68
N SER B 80 9.91 13.34 -8.22
CA SER B 80 9.06 14.36 -7.64
C SER B 80 7.68 13.80 -7.29
N GLU B 81 6.86 13.53 -8.31
CA GLU B 81 5.47 13.17 -8.07
C GLU B 81 5.33 11.96 -7.16
N ALA B 82 6.34 11.11 -7.16
CA ALA B 82 6.38 9.96 -6.25
C ALA B 82 6.45 10.43 -4.81
N LEU B 83 7.44 11.28 -4.52
CA LEU B 83 7.63 11.84 -3.19
C LEU B 83 6.37 12.52 -2.70
N ALA B 84 5.65 13.17 -3.60
CA ALA B 84 4.40 13.81 -3.23
C ALA B 84 3.49 12.75 -2.64
N GLU B 85 3.06 11.81 -3.47
CA GLU B 85 2.15 10.75 -3.03
C GLU B 85 2.43 10.20 -1.63
N MET B 86 3.70 9.95 -1.32
CA MET B 86 4.06 9.39 -0.01
C MET B 86 4.29 10.47 1.05
N LYS B 93 -0.14 19.53 1.28
CA LYS B 93 -1.31 19.21 2.11
C LYS B 93 -0.90 18.82 3.53
N ARG B 94 -1.87 18.34 4.31
CA ARG B 94 -1.63 18.00 5.71
C ARG B 94 -0.79 16.74 5.84
N THR B 95 0.18 16.76 6.74
CA THR B 95 1.02 15.59 6.97
C THR B 95 0.29 14.58 7.83
N ARG B 96 0.36 13.31 7.44
CA ARG B 96 -0.24 12.25 8.23
C ARG B 96 0.81 11.62 9.14
N ILE B 97 0.52 11.56 10.43
CA ILE B 97 1.39 10.84 11.36
C ILE B 97 0.59 9.81 12.14
N THR B 98 0.97 8.55 11.98
CA THR B 98 0.36 7.45 12.72
C THR B 98 1.18 7.08 13.97
N ILE B 99 0.52 7.08 15.12
CA ILE B 99 1.22 6.81 16.38
C ILE B 99 0.49 5.78 17.21
N ALA B 100 1.25 4.92 17.87
CA ALA B 100 0.70 3.92 18.78
C ALA B 100 0.89 4.37 20.22
N VAL B 101 -0.13 4.17 21.06
CA VAL B 101 -0.06 4.52 22.49
C VAL B 101 -0.75 3.43 23.32
N ASN B 102 -0.20 3.14 24.49
CA ASN B 102 -0.85 2.20 25.38
C ASN B 102 -2.03 2.88 26.09
N ALA B 103 -3.04 2.11 26.46
CA ALA B 103 -4.30 2.68 26.92
C ALA B 103 -4.16 3.61 28.12
N ASP B 104 -3.33 3.25 29.09
CA ASP B 104 -3.22 4.03 30.32
C ASP B 104 -2.53 5.35 30.06
N SER B 105 -1.83 5.45 28.94
CA SER B 105 -1.17 6.69 28.57
C SER B 105 -2.16 7.61 27.89
N MET B 106 -2.96 7.06 26.98
CA MET B 106 -4.00 7.85 26.34
C MET B 106 -5.00 8.30 27.37
N ALA B 107 -5.10 7.56 28.46
CA ALA B 107 -6.11 7.84 29.47
C ALA B 107 -5.61 8.85 30.46
N THR B 108 -4.37 9.28 30.27
CA THR B 108 -3.64 9.94 31.34
C THR B 108 -2.82 11.14 30.86
N TRP B 109 -1.63 10.95 30.33
CA TRP B 109 -0.76 12.09 30.03
C TRP B 109 -0.67 12.41 28.53
N PHE B 110 -0.91 11.42 27.68
CA PHE B 110 -0.62 11.56 26.27
C PHE B 110 -1.41 12.65 25.61
N SER B 111 -2.57 12.98 26.15
CA SER B 111 -3.47 13.89 25.43
C SER B 111 -2.91 15.30 25.35
N ALA B 112 -1.97 15.63 26.23
CA ALA B 112 -1.35 16.95 26.19
C ALA B 112 -0.83 17.19 24.79
N VAL B 113 -0.31 16.13 24.20
CA VAL B 113 0.29 16.19 22.89
C VAL B 113 -0.62 16.83 21.85
N PHE B 114 -1.93 16.76 22.07
CA PHE B 114 -2.86 17.29 21.10
C PHE B 114 -2.76 18.80 20.97
N ASP B 115 -2.34 19.47 22.04
CA ASP B 115 -2.19 20.93 21.95
C ASP B 115 -1.12 21.35 20.95
N GLY B 116 -0.08 20.54 20.78
CA GLY B 116 0.98 20.89 19.87
C GLY B 116 0.79 20.44 18.43
N LEU B 117 -0.31 19.76 18.14
CA LEU B 117 -0.43 18.99 16.90
C LEU B 117 -1.65 19.25 16.03
N GLY B 118 -2.31 20.38 16.21
CA GLY B 118 -3.56 20.61 15.50
C GLY B 118 -3.38 20.97 14.04
N ASP B 119 -2.12 21.02 13.62
CA ASP B 119 -1.77 21.48 12.29
C ASP B 119 -1.40 20.32 11.38
N VAL B 120 -1.42 19.12 11.94
CA VAL B 120 -1.19 17.91 11.15
C VAL B 120 -2.46 17.05 11.18
N LEU B 121 -2.36 15.81 10.69
CA LEU B 121 -3.46 14.87 10.78
C LEU B 121 -3.04 13.61 11.52
N LEU B 122 -3.56 13.42 12.71
CA LEU B 122 -3.15 12.28 13.55
C LEU B 122 -3.82 10.96 13.13
N ASP B 123 -3.10 9.86 13.27
CA ASP B 123 -3.69 8.54 13.18
C ASP B 123 -3.29 7.78 14.44
N VAL B 124 -4.12 7.87 15.46
CA VAL B 124 -3.79 7.29 16.76
C VAL B 124 -4.35 5.90 16.99
N ARG B 125 -3.44 4.99 17.35
CA ARG B 125 -3.79 3.60 17.64
C ARG B 125 -3.52 3.27 19.10
N ILE B 126 -4.49 2.60 19.72
CA ILE B 126 -4.37 2.17 21.10
C ILE B 126 -3.98 0.70 21.13
N GLU B 127 -2.73 0.45 21.49
CA GLU B 127 -2.14 -0.87 21.33
C GLU B 127 -1.24 -1.17 22.50
N ASP B 128 -0.92 -2.45 22.68
CA ASP B 128 -0.07 -2.87 23.78
C ASP B 128 1.32 -3.03 23.24
N GLN B 129 2.21 -3.51 24.09
CA GLN B 129 3.61 -3.68 23.72
C GLN B 129 3.78 -4.45 22.40
N ASP B 130 3.23 -5.65 22.33
CA ASP B 130 3.39 -6.50 21.15
C ASP B 130 2.85 -5.88 19.88
N HIS B 131 1.69 -5.26 19.94
CA HIS B 131 1.08 -4.70 18.74
C HIS B 131 1.74 -3.40 18.30
N SER B 132 2.11 -2.57 19.27
CA SER B 132 2.93 -1.40 18.97
C SER B 132 4.12 -1.82 18.13
N ALA B 133 4.85 -2.82 18.63
CA ALA B 133 6.07 -3.29 18.00
C ALA B 133 5.79 -3.69 16.57
N ARG B 134 4.69 -4.39 16.35
CA ARG B 134 4.34 -4.81 14.99
C ARG B 134 4.12 -3.57 14.12
N LEU B 135 3.21 -2.68 14.53
CA LEU B 135 3.00 -1.40 13.84
C LEU B 135 4.31 -0.65 13.51
N LEU B 136 5.27 -0.64 14.43
CA LEU B 136 6.58 -0.07 14.14
C LEU B 136 7.26 -0.83 13.00
N ARG B 137 7.61 -2.08 13.24
CA ARG B 137 8.24 -2.94 12.25
C ARG B 137 7.59 -2.88 10.86
N GLU B 138 6.27 -2.81 10.83
CA GLU B 138 5.57 -2.89 9.56
C GLU B 138 5.45 -1.52 8.94
N GLY B 139 6.13 -0.57 9.58
CA GLY B 139 6.25 0.76 9.03
C GLY B 139 4.94 1.51 8.93
N VAL B 140 3.98 1.16 9.77
CA VAL B 140 2.73 1.90 9.73
C VAL B 140 2.69 2.92 10.86
N ALA B 141 3.27 2.56 12.00
CA ALA B 141 3.40 3.53 13.09
C ALA B 141 4.80 4.10 13.08
N MET B 142 4.87 5.42 13.09
CA MET B 142 6.15 6.11 13.07
C MET B 142 6.82 6.03 14.44
N GLY B 143 6.00 5.90 15.47
CA GLY B 143 6.47 5.81 16.85
C GLY B 143 5.38 5.30 17.79
N ALA B 144 5.82 4.75 18.91
CA ALA B 144 4.90 4.15 19.86
C ALA B 144 5.26 4.55 21.28
N VAL B 145 4.26 4.89 22.08
CA VAL B 145 4.43 4.90 23.51
C VAL B 145 4.28 3.46 23.95
N THR B 146 5.27 2.94 24.65
CA THR B 146 5.28 1.53 24.99
C THR B 146 6.04 1.19 26.26
N THR B 147 5.81 -0.01 26.77
CA THR B 147 6.48 -0.47 27.97
C THR B 147 7.71 -1.24 27.61
N GLU B 148 7.95 -1.44 26.31
CA GLU B 148 9.14 -2.20 25.91
C GLU B 148 10.38 -1.30 25.89
N ARG B 149 11.45 -1.82 26.46
CA ARG B 149 12.67 -1.04 26.66
C ARG B 149 13.70 -1.31 25.55
N ASN B 150 13.70 -2.52 24.99
CA ASN B 150 14.67 -2.91 23.95
C ASN B 150 14.25 -2.41 22.59
N PRO B 151 15.18 -1.77 21.88
CA PRO B 151 14.84 -1.15 20.61
C PRO B 151 14.16 -2.16 19.72
N VAL B 152 13.10 -1.75 19.07
CA VAL B 152 12.45 -2.57 18.06
C VAL B 152 13.28 -2.40 16.80
N PRO B 153 13.29 -3.42 15.93
CA PRO B 153 14.01 -3.28 14.65
C PRO B 153 13.75 -1.94 13.96
N GLY B 154 14.81 -1.17 13.76
CA GLY B 154 14.72 0.05 12.98
C GLY B 154 14.31 1.25 13.80
N CYS B 155 14.29 1.09 15.11
CA CYS B 155 13.76 2.12 15.98
C CYS B 155 14.78 2.60 16.97
N ARG B 156 14.63 3.84 17.42
CA ARG B 156 15.46 4.44 18.48
C ARG B 156 14.61 4.45 19.75
N VAL B 157 15.24 4.38 20.91
CA VAL B 157 14.44 4.32 22.13
C VAL B 157 14.63 5.51 23.07
N HIS B 158 13.54 6.21 23.34
CA HIS B 158 13.56 7.30 24.29
C HIS B 158 12.77 6.94 25.56
N PRO B 159 13.49 6.82 26.69
CA PRO B 159 12.88 6.74 28.03
C PRO B 159 11.97 7.94 28.32
N LEU B 160 10.84 7.69 28.98
CA LEU B 160 9.84 8.73 29.19
C LEU B 160 9.58 8.94 30.68
N GLY B 161 9.98 7.96 31.48
CA GLY B 161 9.73 7.98 32.91
C GLY B 161 8.85 6.81 33.29
N GLU B 162 8.26 6.87 34.48
CA GLU B 162 7.48 5.75 34.97
C GLU B 162 6.06 6.14 35.31
N MET B 163 5.11 5.26 34.98
CA MET B 163 3.75 5.45 35.42
C MET B 163 3.58 4.66 36.74
N ARG B 164 2.89 5.26 37.71
CA ARG B 164 2.73 4.62 39.03
C ARG B 164 1.30 4.16 39.27
N TYR B 165 1.14 2.91 39.66
CA TYR B 165 -0.17 2.34 39.86
C TYR B 165 -0.45 2.10 41.34
N LEU B 166 -1.66 2.44 41.79
CA LEU B 166 -2.06 2.20 43.19
C LEU B 166 -3.10 1.10 43.30
N PRO B 167 -3.23 0.49 44.49
CA PRO B 167 -4.31 -0.47 44.74
C PRO B 167 -5.57 0.26 45.23
N VAL B 168 -6.72 -0.11 44.69
CA VAL B 168 -7.93 0.60 45.05
C VAL B 168 -9.20 -0.24 45.02
N ALA B 169 -10.14 0.16 45.86
CA ALA B 169 -11.48 -0.36 45.89
C ALA B 169 -12.36 0.78 46.39
N SER B 170 -13.60 0.48 46.72
CA SER B 170 -14.52 1.49 47.26
C SER B 170 -14.55 1.33 48.77
N ARG B 171 -15.09 2.33 49.46
CA ARG B 171 -15.19 2.26 50.92
C ARG B 171 -15.86 0.94 51.34
N PRO B 172 -17.05 0.66 50.80
CA PRO B 172 -17.76 -0.59 51.10
C PRO B 172 -16.96 -1.85 50.80
N PHE B 173 -16.23 -1.86 49.70
CA PHE B 173 -15.51 -3.07 49.31
C PHE B 173 -14.49 -3.45 50.37
N VAL B 174 -14.02 -2.45 51.12
CA VAL B 174 -13.08 -2.67 52.20
C VAL B 174 -13.68 -3.55 53.29
N GLN B 175 -14.68 -2.99 53.97
CA GLN B 175 -15.32 -3.68 55.09
C GLN B 175 -16.00 -4.98 54.67
N ARG B 176 -16.08 -5.24 53.37
CA ARG B 176 -16.62 -6.49 52.87
C ARG B 176 -15.51 -7.52 52.65
N HIS B 177 -14.29 -7.03 52.48
CA HIS B 177 -13.14 -7.92 52.27
C HIS B 177 -11.88 -7.33 52.91
N ASP B 180 -11.00 -7.40 60.61
CA ASP B 180 -11.03 -6.86 59.27
C ASP B 180 -9.70 -6.28 58.82
N GLY B 181 -9.72 -5.06 58.29
CA GLY B 181 -8.56 -4.45 57.66
C GLY B 181 -8.20 -5.21 56.40
N PHE B 182 -7.02 -4.92 55.85
CA PHE B 182 -6.49 -5.75 54.77
C PHE B 182 -6.10 -7.08 55.38
N THR B 183 -7.08 -7.82 55.88
CA THR B 183 -6.82 -9.15 56.41
C THR B 183 -6.05 -9.90 55.34
N ALA B 184 -4.73 -9.86 55.43
CA ALA B 184 -3.86 -10.37 54.36
C ALA B 184 -4.18 -11.83 54.03
N ALA B 185 -5.14 -12.38 54.76
CA ALA B 185 -5.68 -13.71 54.48
C ALA B 185 -6.60 -13.67 53.25
N ALA B 186 -7.36 -12.59 53.12
CA ALA B 186 -8.29 -12.41 51.99
C ALA B 186 -7.59 -12.01 50.69
N ALA B 187 -6.49 -12.71 50.38
CA ALA B 187 -5.74 -12.46 49.15
C ALA B 187 -6.60 -12.71 47.92
N ALA B 188 -7.11 -13.93 47.79
CA ALA B 188 -8.04 -14.28 46.72
C ALA B 188 -9.47 -14.20 47.22
N LYS B 189 -9.62 -14.18 48.55
CA LYS B 189 -10.92 -14.05 49.20
C LYS B 189 -11.50 -12.65 48.96
N ALA B 190 -10.81 -11.88 48.12
CA ALA B 190 -11.32 -10.59 47.66
C ALA B 190 -11.41 -10.60 46.13
N PRO B 191 -12.49 -10.04 45.60
CA PRO B 191 -12.74 -9.93 44.15
C PRO B 191 -11.89 -8.82 43.52
N SER B 192 -11.33 -9.06 42.34
CA SER B 192 -10.37 -8.13 41.73
C SER B 192 -10.69 -7.74 40.29
N LEU B 193 -10.45 -6.47 39.97
CA LEU B 193 -10.63 -5.96 38.61
C LEU B 193 -9.37 -6.18 37.77
N ALA B 194 -9.53 -6.33 36.47
CA ALA B 194 -8.40 -6.57 35.57
C ALA B 194 -8.71 -6.09 34.14
N TRP B 195 -7.78 -6.35 33.22
CA TRP B 195 -7.94 -5.92 31.83
C TRP B 195 -7.98 -7.09 30.83
N ASN B 196 -6.99 -7.98 30.92
CA ASN B 196 -6.90 -9.11 29.99
C ASN B 196 -6.06 -10.27 30.56
N PRO B 217 -12.28 -14.96 40.86
CA PRO B 217 -12.58 -13.76 41.64
C PRO B 217 -12.02 -12.51 40.97
N THR B 218 -11.99 -12.52 39.63
CA THR B 218 -11.47 -11.40 38.86
C THR B 218 -12.38 -11.06 37.65
N HIS B 219 -12.91 -9.84 37.65
CA HIS B 219 -13.76 -9.34 36.57
C HIS B 219 -12.95 -8.58 35.53
N PHE B 220 -13.12 -8.93 34.26
CA PHE B 220 -12.42 -8.22 33.20
C PHE B 220 -13.27 -7.09 32.61
N VAL B 221 -12.82 -5.86 32.83
CA VAL B 221 -13.59 -4.68 32.48
C VAL B 221 -12.71 -3.61 31.86
N PRO B 222 -12.60 -3.60 30.52
CA PRO B 222 -11.77 -2.62 29.82
C PRO B 222 -12.35 -1.21 29.88
N THR B 223 -12.11 -0.46 28.80
CA THR B 223 -12.15 1.00 28.86
C THR B 223 -11.52 1.49 30.15
N THR B 224 -11.97 2.66 30.57
CA THR B 224 -11.30 3.40 31.60
C THR B 224 -12.41 3.94 32.46
N GLU B 225 -13.48 4.32 31.78
CA GLU B 225 -14.64 4.91 32.46
C GLU B 225 -15.47 3.83 33.14
N GLY B 226 -15.21 2.58 32.79
CA GLY B 226 -15.92 1.45 33.37
C GLY B 226 -15.05 0.58 34.27
N PHE B 227 -13.82 0.32 33.84
CA PHE B 227 -12.81 -0.25 34.71
C PHE B 227 -12.82 0.60 35.96
N THR B 228 -13.18 1.87 35.80
CA THR B 228 -13.36 2.76 36.94
C THR B 228 -14.75 2.55 37.55
N ALA B 229 -15.76 2.39 36.69
CA ALA B 229 -17.13 2.22 37.12
C ALA B 229 -17.35 0.91 37.88
N ALA B 230 -16.61 -0.12 37.45
CA ALA B 230 -16.63 -1.40 38.12
C ALA B 230 -16.19 -1.24 39.59
N ALA B 231 -14.97 -0.76 39.78
CA ALA B 231 -14.44 -0.55 41.13
C ALA B 231 -15.30 0.37 41.99
N ARG B 232 -15.79 1.45 41.38
CA ARG B 232 -16.66 2.37 42.11
C ARG B 232 -17.88 1.61 42.60
N ALA B 233 -18.32 0.62 41.84
CA ALA B 233 -19.49 -0.16 42.18
C ALA B 233 -19.15 -1.32 43.11
N GLY B 234 -18.18 -1.11 43.99
CA GLY B 234 -17.75 -2.14 44.92
C GLY B 234 -17.60 -3.51 44.30
N LEU B 235 -17.25 -3.55 43.02
CA LEU B 235 -17.24 -4.78 42.25
C LEU B 235 -15.90 -5.51 42.32
N GLY B 236 -14.90 -4.84 42.87
CA GLY B 236 -13.55 -5.38 42.93
C GLY B 236 -12.54 -4.32 43.34
N TRP B 237 -11.29 -4.76 43.55
CA TRP B 237 -10.17 -3.84 43.76
C TRP B 237 -9.20 -4.03 42.61
N GLY B 238 -8.54 -2.96 42.20
CA GLY B 238 -7.65 -3.04 41.07
C GLY B 238 -6.46 -2.09 41.10
N MET B 239 -5.54 -2.29 40.16
CA MET B 239 -4.41 -1.38 39.96
C MET B 239 -4.84 -0.24 39.01
N PHE B 240 -4.81 0.98 39.53
CA PHE B 240 -5.15 2.18 38.76
C PHE B 240 -3.95 3.11 38.70
N PRO B 241 -3.77 3.79 37.55
CA PRO B 241 -2.77 4.85 37.50
C PRO B 241 -2.99 5.83 38.64
N GLU B 242 -1.91 6.21 39.29
CA GLU B 242 -1.99 7.21 40.34
C GLU B 242 -2.77 8.43 39.87
N LYS B 243 -2.43 8.93 38.69
CA LYS B 243 -3.08 10.16 38.23
C LYS B 243 -4.61 9.98 38.10
N LEU B 244 -5.05 8.81 37.67
CA LEU B 244 -6.47 8.53 37.56
C LEU B 244 -7.11 8.33 38.92
N ALA B 245 -6.42 7.60 39.78
CA ALA B 245 -6.95 7.25 41.09
C ALA B 245 -6.85 8.45 42.03
N ALA B 246 -6.30 9.53 41.50
CA ALA B 246 -6.10 10.74 42.29
C ALA B 246 -7.42 11.26 42.83
N SER B 247 -8.25 11.77 41.94
CA SER B 247 -9.45 12.51 42.35
C SER B 247 -10.38 11.74 43.28
N PRO B 248 -10.74 10.50 42.90
CA PRO B 248 -11.70 9.75 43.72
C PRO B 248 -11.19 9.54 45.14
N LEU B 249 -9.89 9.39 45.31
CA LEU B 249 -9.32 9.20 46.64
C LEU B 249 -9.55 10.45 47.47
N ALA B 250 -9.46 11.61 46.83
CA ALA B 250 -9.75 12.89 47.47
C ALA B 250 -11.26 13.10 47.64
N ASP B 251 -12.02 12.72 46.62
CA ASP B 251 -13.48 12.70 46.73
C ASP B 251 -13.86 11.90 47.95
N GLY B 252 -13.25 10.72 48.07
CA GLY B 252 -13.62 9.77 49.08
C GLY B 252 -14.38 8.61 48.46
N SER B 253 -14.53 8.65 47.13
CA SER B 253 -15.18 7.56 46.40
C SER B 253 -14.28 6.34 46.36
N PHE B 254 -12.97 6.60 46.41
CA PHE B 254 -11.96 5.55 46.40
C PHE B 254 -11.22 5.52 47.74
N VAL B 255 -10.73 4.34 48.11
CA VAL B 255 -9.74 4.25 49.19
C VAL B 255 -8.59 3.36 48.77
N ARG B 256 -7.40 3.63 49.28
CA ARG B 256 -6.27 2.78 48.98
C ARG B 256 -6.40 1.51 49.80
N VAL B 257 -6.15 0.39 49.14
CA VAL B 257 -6.07 -0.88 49.82
C VAL B 257 -4.91 -0.83 50.79
N CYS B 258 -3.73 -0.56 50.25
CA CYS B 258 -2.52 -0.44 51.05
C CYS B 258 -1.56 0.53 50.39
N ASP B 259 -0.38 0.71 50.98
CA ASP B 259 0.54 1.73 50.47
C ASP B 259 1.59 1.22 49.49
N ILE B 260 1.41 -0.02 49.06
CA ILE B 260 2.16 -0.56 47.93
C ILE B 260 1.88 0.20 46.64
N HIS B 261 2.90 0.36 45.82
CA HIS B 261 2.72 0.92 44.49
C HIS B 261 3.66 0.22 43.51
N LEU B 262 3.24 0.13 42.27
CA LEU B 262 4.04 -0.50 41.23
C LEU B 262 4.37 0.53 40.17
N ASP B 263 5.60 0.49 39.67
CA ASP B 263 6.11 1.52 38.77
C ASP B 263 6.53 0.95 37.41
N VAL B 264 5.92 1.47 36.34
CA VAL B 264 6.15 0.97 34.98
C VAL B 264 6.79 2.03 34.10
N PRO B 265 8.05 1.80 33.70
CA PRO B 265 8.68 2.73 32.77
C PRO B 265 8.01 2.73 31.38
N LEU B 266 7.69 3.92 30.90
CA LEU B 266 7.19 4.07 29.54
C LEU B 266 8.34 4.49 28.64
N TYR B 267 8.25 4.11 27.37
CA TYR B 267 9.26 4.54 26.43
C TYR B 267 8.59 4.98 25.14
N TRP B 268 9.11 6.07 24.59
CA TRP B 268 8.84 6.44 23.21
C TRP B 268 9.85 5.76 22.27
N GLN B 269 9.35 4.89 21.41
CA GLN B 269 10.17 4.25 20.41
C GLN B 269 9.67 4.69 19.04
N CYS B 270 10.58 5.06 18.16
CA CYS B 270 10.20 5.53 16.85
C CYS B 270 11.28 5.14 15.85
N TRP B 271 11.00 5.40 14.59
CA TRP B 271 11.95 5.10 13.53
C TRP B 271 13.27 5.86 13.77
N LYS B 272 14.36 5.09 13.70
CA LYS B 272 15.72 5.64 13.78
C LYS B 272 16.12 6.22 12.43
N LEU B 273 15.44 7.31 12.09
CA LEU B 273 15.72 8.08 10.90
C LEU B 273 15.81 9.50 11.37
N ASP B 274 16.60 10.31 10.69
CA ASP B 274 16.64 11.72 10.99
C ASP B 274 15.68 12.42 10.07
N SER B 275 14.66 13.02 10.66
CA SER B 275 13.59 13.65 9.93
C SER B 275 12.97 14.71 10.84
N PRO B 276 12.69 15.89 10.29
CA PRO B 276 12.04 16.96 11.06
C PRO B 276 10.72 16.54 11.71
N ILE B 277 9.89 15.78 11.01
CA ILE B 277 8.62 15.34 11.59
C ILE B 277 8.81 14.34 12.73
N ILE B 278 9.71 13.39 12.56
CA ILE B 278 9.98 12.44 13.62
C ILE B 278 10.49 13.15 14.86
N ALA B 279 11.29 14.19 14.66
CA ALA B 279 11.91 14.92 15.77
C ALA B 279 10.89 15.75 16.51
N ARG B 280 10.00 16.38 15.74
CA ARG B 280 8.95 17.18 16.32
C ARG B 280 8.14 16.37 17.32
N ILE B 281 7.71 15.21 16.87
CA ILE B 281 6.83 14.37 17.67
C ILE B 281 7.56 13.72 18.83
N THR B 282 8.74 13.17 18.59
CA THR B 282 9.55 12.67 19.68
C THR B 282 9.63 13.76 20.77
N ASP B 283 9.85 15.01 20.36
CA ASP B 283 9.91 16.11 21.32
C ASP B 283 8.55 16.41 21.98
N THR B 284 7.48 16.48 21.21
CA THR B 284 6.19 16.74 21.84
C THR B 284 5.90 15.63 22.87
N VAL B 285 6.07 14.37 22.49
CA VAL B 285 5.73 13.28 23.40
C VAL B 285 6.60 13.33 24.66
N ARG B 286 7.90 13.51 24.50
CA ARG B 286 8.78 13.60 25.68
C ARG B 286 8.32 14.67 26.65
N ALA B 287 7.73 15.75 26.13
CA ALA B 287 7.32 16.86 26.98
C ALA B 287 5.98 16.61 27.65
N ALA B 288 5.06 16.01 26.92
CA ALA B 288 3.82 15.59 27.51
C ALA B 288 4.05 14.54 28.60
N ALA B 289 5.26 13.98 28.68
CA ALA B 289 5.56 12.96 29.68
C ALA B 289 6.43 13.47 30.81
N SER B 290 6.63 14.78 30.84
CA SER B 290 7.53 15.43 31.81
C SER B 290 7.15 15.12 33.26
N GLY B 291 5.86 15.11 33.54
CA GLY B 291 5.33 14.90 34.88
C GLY B 291 5.28 13.45 35.35
N LEU B 292 5.76 12.54 34.53
CA LEU B 292 5.98 11.17 34.98
C LEU B 292 7.15 11.16 36.00
N TYR B 293 7.24 10.10 36.79
CA TYR B 293 8.36 9.93 37.71
C TYR B 293 9.70 9.69 37.00
N ARG B 294 10.76 10.19 37.64
CA ARG B 294 12.16 9.91 37.29
C ARG B 294 12.44 8.44 37.07
N GLY B 295 12.92 8.10 35.87
CA GLY B 295 13.29 6.74 35.52
C GLY B 295 14.75 6.42 35.81
#